data_5VMN
#
_entry.id   5VMN
#
_cell.length_a   68.033
_cell.length_b   68.033
_cell.length_c   85.824
_cell.angle_alpha   90.00
_cell.angle_beta   90.00
_cell.angle_gamma   90.00
#
_symmetry.space_group_name_H-M   'P 43 21 2'
#
loop_
_entity.id
_entity.type
_entity.pdbx_description
1 polymer 'Bak protein'
2 non-polymer 'NITRATE ION'
3 non-polymer 1,2-ETHANEDIOL
4 water water
#
_entity_poly.entity_id   1
_entity_poly.type   'polypeptide(L)'
_entity_poly.pdbx_seq_one_letter_code
;GPLGSMTNINFSALLRGERMCPLTREIHSQMLIVTKSYSLVETFRAFPRLPNILEIGNNIVSDGNLNWGRILILLGISQL
YFTKSESESERTQITEQLERFFRQDAISNWIASNGGWVTCASLDLRNYSSVT
;
_entity_poly.pdbx_strand_id   A
#
loop_
_chem_comp.id
_chem_comp.type
_chem_comp.name
_chem_comp.formula
EDO non-polymer 1,2-ETHANEDIOL 'C2 H6 O2'
NO3 non-polymer 'NITRATE ION' 'N O3 -1'
#
# COMPACT_ATOMS: atom_id res chain seq x y z
N GLY A 1 -2.05 -28.75 12.59
CA GLY A 1 -1.57 -27.43 13.09
C GLY A 1 -2.53 -26.29 12.81
N PRO A 2 -2.21 -25.11 13.32
CA PRO A 2 -3.07 -23.94 13.06
C PRO A 2 -2.93 -23.47 11.63
N LEU A 3 -3.81 -22.54 11.25
CA LEU A 3 -3.82 -22.02 9.90
C LEU A 3 -2.66 -21.07 9.68
N GLY A 4 -1.94 -21.26 8.58
CA GLY A 4 -0.82 -20.42 8.25
C GLY A 4 -1.25 -19.02 7.84
N SER A 5 -0.28 -18.13 7.73
CA SER A 5 -0.56 -16.74 7.45
C SER A 5 -1.20 -16.58 6.07
N MET A 6 -2.17 -15.67 5.98
CA MET A 6 -2.80 -15.29 4.73
C MET A 6 -2.87 -13.78 4.69
N THR A 7 -2.92 -13.21 3.49
CA THR A 7 -2.91 -11.76 3.36
C THR A 7 -4.24 -11.18 3.80
N ASN A 8 -4.19 -10.03 4.46
CA ASN A 8 -5.42 -9.31 4.77
C ASN A 8 -5.89 -8.54 3.54
N ILE A 9 -4.98 -7.88 2.84
CA ILE A 9 -5.30 -7.21 1.59
C ILE A 9 -4.60 -7.96 0.47
N ASN A 10 -5.33 -8.18 -0.61
CA ASN A 10 -4.76 -8.78 -1.81
C ASN A 10 -4.09 -7.66 -2.60
N PHE A 11 -2.78 -7.46 -2.39
CA PHE A 11 -2.10 -6.31 -2.99
C PHE A 11 -1.97 -6.45 -4.50
N SER A 12 -1.84 -7.66 -5.01
CA SER A 12 -1.84 -7.84 -6.45
C SER A 12 -3.16 -7.41 -7.07
N ALA A 13 -4.29 -7.81 -6.47
CA ALA A 13 -5.58 -7.36 -6.98
C ALA A 13 -5.73 -5.86 -6.85
N LEU A 14 -5.26 -5.31 -5.73
CA LEU A 14 -5.35 -3.87 -5.51
C LEU A 14 -4.66 -3.12 -6.64
N LEU A 15 -3.43 -3.49 -6.93
CA LEU A 15 -2.65 -2.71 -7.90
C LEU A 15 -3.07 -2.98 -9.34
N ARG A 16 -3.71 -4.10 -9.61
CA ARG A 16 -4.20 -4.38 -10.95
C ARG A 16 -5.56 -3.72 -11.17
N GLY A 17 -6.28 -3.42 -10.10
CA GLY A 17 -7.47 -2.59 -10.20
C GLY A 17 -8.59 -3.23 -10.99
N GLU A 18 -8.62 -4.54 -11.08
CA GLU A 18 -9.67 -5.19 -11.85
C GLU A 18 -10.59 -5.92 -10.88
N ARG A 19 -10.56 -7.24 -10.85
CA ARG A 19 -11.35 -7.97 -9.84
C ARG A 19 -10.74 -7.73 -8.47
N MET A 20 -11.60 -7.40 -7.49
CA MET A 20 -11.22 -7.02 -6.15
C MET A 20 -12.37 -7.38 -5.22
N CYS A 21 -12.07 -7.81 -3.99
CA CYS A 21 -13.14 -8.02 -3.02
C CYS A 21 -13.57 -6.67 -2.48
N PRO A 22 -14.71 -6.60 -1.78
CA PRO A 22 -15.22 -5.28 -1.41
C PRO A 22 -14.24 -4.46 -0.58
N LEU A 23 -13.52 -5.10 0.33
CA LEU A 23 -12.59 -4.35 1.17
C LEU A 23 -11.46 -3.80 0.32
N THR A 24 -10.90 -4.65 -0.54
CA THR A 24 -9.79 -4.17 -1.38
C THR A 24 -10.26 -3.06 -2.31
N ARG A 25 -11.49 -3.20 -2.85
CA ARG A 25 -12.04 -2.16 -3.73
C ARG A 25 -12.18 -0.84 -3.00
N GLU A 26 -12.64 -0.86 -1.74
CA GLU A 26 -12.77 0.40 -1.02
C GLU A 26 -11.40 0.99 -0.67
N ILE A 27 -10.43 0.15 -0.33
CA ILE A 27 -9.09 0.69 -0.11
C ILE A 27 -8.56 1.31 -1.38
N HIS A 28 -8.84 0.71 -2.53
CA HIS A 28 -8.42 1.27 -3.81
C HIS A 28 -9.02 2.66 -4.01
N SER A 29 -10.31 2.80 -3.74
CA SER A 29 -10.96 4.09 -3.83
C SER A 29 -10.30 5.12 -2.92
N GLN A 30 -10.02 4.76 -1.66
CA GLN A 30 -9.37 5.66 -0.73
C GLN A 30 -7.98 6.05 -1.22
N MET A 31 -7.25 5.07 -1.77
CA MET A 31 -5.91 5.32 -2.33
C MET A 31 -5.98 6.38 -3.42
N LEU A 32 -6.96 6.28 -4.31
CA LEU A 32 -7.04 7.26 -5.38
C LEU A 32 -7.41 8.65 -4.86
N ILE A 33 -8.26 8.72 -3.83
CA ILE A 33 -8.60 10.02 -3.22
C ILE A 33 -7.32 10.67 -2.68
N VAL A 34 -6.54 9.91 -1.93
CA VAL A 34 -5.30 10.42 -1.34
C VAL A 34 -4.29 10.76 -2.43
N THR A 35 -4.21 9.95 -3.48
CA THR A 35 -3.32 10.28 -4.59
C THR A 35 -3.64 11.65 -5.15
N LYS A 36 -4.91 11.94 -5.37
CA LYS A 36 -5.27 13.23 -5.93
C LYS A 36 -5.08 14.34 -4.92
N SER A 37 -5.51 14.12 -3.67
CA SER A 37 -5.54 15.17 -2.66
C SER A 37 -4.16 15.65 -2.32
N TYR A 38 -3.19 14.75 -2.34
CA TYR A 38 -1.81 15.09 -2.04
C TYR A 38 -0.93 15.19 -3.28
N SER A 39 -1.53 15.31 -4.46
CA SER A 39 -0.80 15.59 -5.68
C SER A 39 0.32 14.58 -5.91
N LEU A 40 0.05 13.31 -5.63
CA LEU A 40 1.16 12.37 -5.60
C LEU A 40 1.79 12.22 -6.97
N VAL A 41 1.02 12.36 -8.03
CA VAL A 41 1.62 12.27 -9.37
C VAL A 41 2.80 13.21 -9.48
N GLU A 42 2.67 14.42 -8.92
CA GLU A 42 3.71 15.43 -9.08
C GLU A 42 4.96 15.11 -8.25
N THR A 43 4.77 14.68 -7.00
CA THR A 43 5.92 14.33 -6.20
C THR A 43 6.56 13.02 -6.68
N PHE A 44 5.76 12.13 -7.26
CA PHE A 44 6.28 10.84 -7.69
C PHE A 44 7.42 11.00 -8.70
N ARG A 45 7.41 12.06 -9.47
CA ARG A 45 8.43 12.25 -10.50
C ARG A 45 9.82 12.36 -9.90
N ALA A 46 9.91 12.71 -8.61
CA ALA A 46 11.17 12.90 -7.94
C ALA A 46 11.67 11.63 -7.28
N PHE A 47 10.95 10.52 -7.39
CA PHE A 47 11.35 9.22 -6.85
C PHE A 47 12.25 8.50 -7.84
N PRO A 48 13.00 7.49 -7.41
CA PRO A 48 13.89 6.79 -8.34
C PRO A 48 13.10 5.96 -9.32
N ARG A 49 13.74 5.71 -10.46
CA ARG A 49 13.11 4.89 -11.49
C ARG A 49 12.89 3.47 -11.01
N LEU A 50 13.84 2.96 -10.23
CA LEU A 50 13.79 1.57 -9.77
C LEU A 50 13.01 1.52 -8.47
N PRO A 51 11.88 0.80 -8.38
CA PRO A 51 11.11 0.81 -7.13
C PRO A 51 11.82 0.09 -5.98
N ASN A 52 11.69 0.68 -4.77
CA ASN A 52 12.02 -0.05 -3.54
C ASN A 52 10.95 0.28 -2.52
N ILE A 53 9.84 -0.46 -2.58
CA ILE A 53 8.67 -0.09 -1.78
C ILE A 53 8.96 -0.32 -0.31
N LEU A 54 9.73 -1.35 0.03
CA LEU A 54 10.06 -1.57 1.44
C LEU A 54 10.80 -0.37 2.01
N GLU A 55 11.77 0.16 1.27
CA GLU A 55 12.50 1.34 1.71
C GLU A 55 11.56 2.53 1.85
N ILE A 56 10.68 2.73 0.88
CA ILE A 56 9.76 3.87 0.94
C ILE A 56 8.85 3.76 2.16
N GLY A 57 8.30 2.56 2.42
CA GLY A 57 7.44 2.38 3.57
C GLY A 57 8.19 2.62 4.87
N ASN A 58 9.41 2.10 4.97
CA ASN A 58 10.18 2.35 6.18
C ASN A 58 10.58 3.81 6.28
N ASN A 59 10.75 4.52 5.15
CA ASN A 59 11.00 5.95 5.26
C ASN A 59 9.79 6.65 5.90
N ILE A 60 8.59 6.25 5.50
CA ILE A 60 7.41 7.04 5.89
C ILE A 60 7.12 6.88 7.38
N VAL A 61 7.67 5.86 8.04
CA VAL A 61 7.57 5.74 9.51
C VAL A 61 8.87 6.11 10.21
N SER A 62 9.76 6.87 9.55
CA SER A 62 11.06 7.14 10.14
C SER A 62 10.94 7.98 11.40
N ASP A 63 9.88 8.78 11.51
CA ASP A 63 9.71 9.59 12.72
C ASP A 63 9.08 8.79 13.85
N GLY A 64 8.80 7.52 13.62
CA GLY A 64 8.24 6.67 14.64
C GLY A 64 6.74 6.73 14.77
N ASN A 65 6.06 7.38 13.83
CA ASN A 65 4.61 7.48 13.82
C ASN A 65 4.07 6.79 12.59
N LEU A 66 2.79 6.43 12.64
CA LEU A 66 2.10 5.86 11.50
C LEU A 66 0.65 6.30 11.59
N ASN A 67 0.01 6.46 10.43
CA ASN A 67 -1.42 6.72 10.41
C ASN A 67 -1.94 6.26 9.06
N TRP A 68 -3.26 6.20 8.92
CA TRP A 68 -3.81 5.61 7.71
C TRP A 68 -3.51 6.44 6.48
N GLY A 69 -3.40 7.76 6.62
CA GLY A 69 -3.04 8.58 5.48
C GLY A 69 -1.66 8.23 4.94
N ARG A 70 -0.69 8.03 5.84
CA ARG A 70 0.63 7.61 5.38
C ARG A 70 0.57 6.26 4.68
N ILE A 71 -0.26 5.33 5.18
CA ILE A 71 -0.39 4.05 4.52
C ILE A 71 -0.95 4.24 3.11
N LEU A 72 -1.95 5.12 2.97
CA LEU A 72 -2.56 5.30 1.66
C LEU A 72 -1.59 6.02 0.71
N ILE A 73 -0.73 6.89 1.24
CA ILE A 73 0.33 7.49 0.40
C ILE A 73 1.26 6.40 -0.09
N LEU A 74 1.67 5.47 0.79
CA LEU A 74 2.55 4.39 0.35
C LEU A 74 1.89 3.56 -0.73
N LEU A 75 0.61 3.21 -0.54
CA LEU A 75 -0.06 2.45 -1.56
C LEU A 75 -0.14 3.23 -2.88
N GLY A 76 -0.43 4.52 -2.81
CA GLY A 76 -0.58 5.30 -4.02
C GLY A 76 0.72 5.39 -4.79
N ILE A 77 1.83 5.53 -4.07
CA ILE A 77 3.16 5.49 -4.71
C ILE A 77 3.40 4.14 -5.34
N SER A 78 3.09 3.06 -4.61
CA SER A 78 3.25 1.74 -5.17
C SER A 78 2.44 1.57 -6.44
N GLN A 79 1.20 2.09 -6.45
CA GLN A 79 0.35 2.01 -7.64
C GLN A 79 0.96 2.74 -8.84
N LEU A 80 1.55 3.91 -8.61
CA LEU A 80 2.18 4.63 -9.70
C LEU A 80 3.36 3.86 -10.26
N TYR A 81 4.17 3.26 -9.40
CA TYR A 81 5.24 2.39 -9.89
C TYR A 81 4.67 1.21 -10.67
N PHE A 82 3.63 0.56 -10.14
CA PHE A 82 3.07 -0.62 -10.77
C PHE A 82 2.50 -0.29 -12.15
N THR A 83 1.76 0.82 -12.24
CA THR A 83 1.21 1.23 -13.52
C THR A 83 2.31 1.48 -14.54
N LYS A 84 3.41 2.09 -14.10
CA LYS A 84 4.50 2.43 -15.01
C LYS A 84 5.37 1.23 -15.37
N SER A 85 5.20 0.10 -14.69
CA SER A 85 6.01 -1.09 -14.95
C SER A 85 5.79 -1.66 -16.34
N GLU A 86 6.85 -2.22 -16.91
CA GLU A 86 6.77 -2.80 -18.24
C GLU A 86 7.19 -4.28 -18.27
N SER A 87 7.19 -4.95 -17.13
CA SER A 87 7.46 -6.40 -17.11
C SER A 87 6.72 -7.02 -15.94
N GLU A 88 6.39 -8.31 -16.08
CA GLU A 88 5.73 -8.98 -14.96
C GLU A 88 6.69 -9.14 -13.80
N SER A 89 8.00 -9.27 -14.09
CA SER A 89 8.97 -9.37 -13.03
C SER A 89 8.95 -8.13 -12.14
N GLU A 90 8.89 -6.94 -12.73
CA GLU A 90 8.84 -5.75 -11.89
C GLU A 90 7.54 -5.68 -11.09
N ARG A 91 6.41 -6.00 -11.71
CA ARG A 91 5.13 -5.92 -10.99
C ARG A 91 5.11 -6.88 -9.81
N THR A 92 5.63 -8.09 -10.02
CA THR A 92 5.67 -9.05 -8.92
C THR A 92 6.54 -8.54 -7.78
N GLN A 93 7.70 -7.99 -8.11
CA GLN A 93 8.59 -7.48 -7.08
C GLN A 93 7.95 -6.33 -6.31
N ILE A 94 7.21 -5.45 -6.98
CA ILE A 94 6.52 -4.37 -6.28
C ILE A 94 5.54 -4.95 -5.27
N THR A 95 4.74 -5.92 -5.70
CA THR A 95 3.77 -6.53 -4.79
C THR A 95 4.46 -7.23 -3.64
N GLU A 96 5.55 -7.96 -3.93
CA GLU A 96 6.28 -8.63 -2.86
C GLU A 96 6.92 -7.63 -1.91
N GLN A 97 7.43 -6.51 -2.44
CA GLN A 97 8.00 -5.48 -1.60
C GLN A 97 6.93 -4.92 -0.65
N LEU A 98 5.72 -4.69 -1.17
CA LEU A 98 4.61 -4.20 -0.36
C LEU A 98 4.26 -5.20 0.74
N GLU A 99 4.10 -6.47 0.37
CA GLU A 99 3.77 -7.48 1.37
C GLU A 99 4.83 -7.52 2.46
N ARG A 100 6.11 -7.44 2.08
CA ARG A 100 7.18 -7.49 3.07
C ARG A 100 7.06 -6.33 4.05
N PHE A 101 6.72 -5.14 3.55
CA PHE A 101 6.56 -4.00 4.46
C PHE A 101 5.48 -4.27 5.48
N PHE A 102 4.32 -4.74 5.02
CA PHE A 102 3.18 -4.86 5.94
C PHE A 102 3.30 -6.06 6.86
N ARG A 103 4.17 -7.01 6.53
CA ARG A 103 4.39 -8.14 7.43
C ARG A 103 5.37 -7.85 8.55
N GLN A 104 6.07 -6.72 8.52
CA GLN A 104 6.90 -6.34 9.64
C GLN A 104 6.07 -6.22 10.90
N ASP A 105 6.63 -6.71 12.01
CA ASP A 105 5.85 -6.84 13.24
C ASP A 105 5.24 -5.49 13.67
N ALA A 106 6.02 -4.41 13.59
CA ALA A 106 5.52 -3.14 14.10
C ALA A 106 4.38 -2.62 13.23
N ILE A 107 4.48 -2.83 11.91
CA ILE A 107 3.42 -2.36 11.00
C ILE A 107 2.16 -3.18 11.20
N SER A 108 2.32 -4.51 11.22
CA SER A 108 1.20 -5.42 11.42
C SER A 108 0.49 -5.12 12.74
N ASN A 109 1.26 -4.94 13.81
CA ASN A 109 0.69 -4.64 15.12
C ASN A 109 -0.04 -3.30 15.11
N TRP A 110 0.50 -2.31 14.38
CA TRP A 110 -0.15 -1.01 14.31
C TRP A 110 -1.50 -1.14 13.61
N ILE A 111 -1.55 -1.86 12.49
CA ILE A 111 -2.81 -2.02 11.78
C ILE A 111 -3.83 -2.68 12.69
N ALA A 112 -3.41 -3.72 13.41
CA ALA A 112 -4.37 -4.45 14.26
C ALA A 112 -4.83 -3.62 15.45
N SER A 113 -4.01 -2.69 15.92
CA SER A 113 -4.39 -1.88 17.07
C SER A 113 -5.05 -0.57 16.67
N ASN A 114 -5.15 -0.29 15.36
CA ASN A 114 -5.78 0.94 14.88
C ASN A 114 -6.99 0.62 14.02
N GLY A 115 -7.66 -0.48 14.31
CA GLY A 115 -8.96 -0.78 13.75
C GLY A 115 -8.97 -1.64 12.51
N GLY A 116 -7.81 -2.07 12.03
CA GLY A 116 -7.75 -2.91 10.86
C GLY A 116 -8.03 -2.14 9.58
N TRP A 117 -7.87 -2.85 8.45
CA TRP A 117 -8.15 -2.23 7.17
C TRP A 117 -9.62 -1.82 7.05
N VAL A 118 -10.54 -2.49 7.75
CA VAL A 118 -11.94 -2.09 7.68
C VAL A 118 -12.07 -0.67 8.21
N THR A 119 -11.26 -0.31 9.21
CA THR A 119 -11.37 1.05 9.73
C THR A 119 -10.78 2.04 8.73
N CYS A 120 -9.68 1.66 8.07
CA CYS A 120 -9.15 2.45 6.97
C CYS A 120 -10.21 2.66 5.90
N ALA A 121 -10.86 1.59 5.49
CA ALA A 121 -11.89 1.69 4.46
C ALA A 121 -13.01 2.61 4.89
N SER A 122 -13.23 2.77 6.19
CA SER A 122 -14.38 3.48 6.67
C SER A 122 -14.12 4.96 6.96
N LEU A 123 -12.87 5.40 6.87
CA LEU A 123 -12.55 6.80 7.09
C LEU A 123 -13.30 7.67 6.09
N ASP A 124 -13.85 8.78 6.58
CA ASP A 124 -14.47 9.78 5.73
C ASP A 124 -13.38 10.72 5.25
N LEU A 125 -12.89 10.50 4.04
CA LEU A 125 -11.89 11.39 3.46
C LEU A 125 -12.58 12.49 2.67
N NO3 B . -14.23 -7.99 2.34
O1 NO3 B . -13.74 -7.98 1.18
O2 NO3 B . -14.89 -6.97 2.75
O3 NO3 B . -14.03 -8.97 3.13
N NO3 C . -6.56 -22.86 13.31
O1 NO3 C . -6.26 -24.05 13.04
O2 NO3 C . -5.75 -21.93 13.02
O3 NO3 C . -7.64 -22.59 13.90
N NO3 D . 0.86 10.64 13.49
O1 NO3 D . 1.41 10.77 14.62
O2 NO3 D . 1.10 11.46 12.56
O3 NO3 D . 0.05 9.68 13.29
N NO3 E . -7.76 13.57 1.97
O1 NO3 E . -7.32 12.69 2.76
O2 NO3 E . -7.21 14.71 1.90
O3 NO3 E . -8.74 13.31 1.22
N NO3 F . -1.11 -10.28 -2.54
O1 NO3 F . -1.63 -11.43 -2.66
O2 NO3 F . -0.69 -9.65 -3.54
O3 NO3 F . -1.02 -9.76 -1.39
N NO3 G . -1.81 -6.71 5.15
O1 NO3 G . -0.91 -7.54 4.85
O2 NO3 G . -2.88 -6.67 4.48
O3 NO3 G . -1.65 -5.90 6.12
N NO3 H . 4.47 -5.40 -20.00
O1 NO3 H . 4.85 -6.53 -19.56
O2 NO3 H . 4.54 -5.12 -21.23
O3 NO3 H . 4.00 -4.53 -19.20
N NO3 I . 8.02 10.59 -14.18
O1 NO3 I . 9.05 10.16 -13.59
O2 NO3 I . 8.10 11.59 -14.96
O3 NO3 I . 6.89 10.02 -13.97
C1 EDO J . 15.78 3.58 -18.71
O1 EDO J . 15.56 3.12 -20.04
C2 EDO J . 14.61 3.53 -17.68
O2 EDO J . 13.84 2.31 -17.57
C1 EDO K . -5.55 8.95 10.28
O1 EDO K . -4.73 9.09 9.08
C2 EDO K . -5.70 7.52 10.83
O2 EDO K . -4.57 6.96 11.54
C1 EDO L . 11.66 9.76 -11.99
O1 EDO L . 11.22 10.98 -12.67
C2 EDO L . 10.58 9.08 -11.15
O2 EDO L . 9.41 8.75 -11.91
C1 EDO M . 14.57 10.81 -3.17
O1 EDO M . 15.35 9.76 -3.76
C2 EDO M . 13.48 10.27 -2.27
O2 EDO M . 13.68 8.87 -2.07
C1 EDO N . -12.30 1.04 -7.09
O1 EDO N . -13.16 1.48 -6.05
C2 EDO N . -11.84 2.32 -7.78
O2 EDO N . -11.28 3.11 -6.75
C1 EDO O . -0.74 11.88 5.50
O1 EDO O . 0.51 12.50 5.85
C2 EDO O . -1.60 11.78 6.75
O2 EDO O . -1.70 13.07 7.37
#